data_5HUN
#
_entry.id   5HUN
#
_cell.length_a   90.652
_cell.length_b   90.652
_cell.length_c   110.809
_cell.angle_alpha   90.00
_cell.angle_beta   90.00
_cell.angle_gamma   90.00
#
_symmetry.space_group_name_H-M   'I 4'
#
loop_
_entity.id
_entity.type
_entity.pdbx_description
1 polymer Neuraminidase
2 non-polymer 'CALCIUM ION'
3 water water
#
_entity_poly.entity_id   1
_entity_poly.type   'polypeptide(L)'
_entity_poly.pdbx_seq_one_letter_code
;GSGDSGSPGGTYINNTEPICDVKGFAPFSKDNGIRVGSRGHIFVIREPFVSCSPVGCRTFFLTQGSLLNDKHSNGTVKDR
SPFRTLMSVEVGQSPNVYQARFEAVAWSATACHDGKKWMAIGVTGPDSKAVAVVHYGGVPTDVVNSWAGDILRTQESSCT
CIQGNCYWVMTDGPANRQAQYRIYKANQGKIIGRKDVSFSGGHIEECSCYPNDGKVECVCRDNWTGTNRPVLIISPDLSY
RVGYLCAGLPSDTPRGEDTQFVGSCTSPMGNQGYGVKGFGFRQGTDVWVGRTISRTSRSGFEIIRIKNGWTQTSKEQIRR
QVVVDNSNWSGYSGSFTLPVELSGRECLVPCFWVEMIRGRPEERTIWTSSSSIVMCGVDYEIADWSWHDGAILPFDIDKM
;
_entity_poly.pdbx_strand_id   A
#
# COMPACT_ATOMS: atom_id res chain seq x y z
N GLY A 10 -0.82 30.13 -4.49
CA GLY A 10 -1.26 29.00 -3.61
C GLY A 10 -1.35 27.71 -4.42
N THR A 11 -0.56 26.72 -3.99
CA THR A 11 -0.31 25.53 -4.79
C THR A 11 0.07 24.29 -3.94
N TYR A 12 1.05 24.37 -3.03
CA TYR A 12 1.36 23.24 -2.14
C TYR A 12 0.22 22.88 -1.19
N ILE A 13 -0.03 21.58 -1.04
CA ILE A 13 -0.97 21.10 0.00
C ILE A 13 -0.31 21.11 1.37
N ASN A 14 -1.02 21.62 2.37
CA ASN A 14 -0.56 21.60 3.75
C ASN A 14 -0.49 20.21 4.33
N ASN A 15 -1.60 19.49 4.31
CA ASN A 15 -1.74 18.17 4.96
C ASN A 15 -1.22 18.14 6.42
N THR A 16 -1.41 19.24 7.15
CA THR A 16 -0.99 19.35 8.55
C THR A 16 -2.15 19.07 9.53
N GLU A 17 -3.33 18.78 8.98
CA GLU A 17 -4.58 18.52 9.72
C GLU A 17 -4.71 17.10 10.36
N PRO A 18 -5.55 16.96 11.39
CA PRO A 18 -5.71 15.58 11.91
C PRO A 18 -6.44 14.69 10.91
N ILE A 19 -6.27 13.39 11.05
CA ILE A 19 -7.00 12.41 10.32
C ILE A 19 -8.44 12.40 10.80
N CYS A 20 -9.40 12.38 9.87
CA CYS A 20 -10.81 12.27 10.27
C CYS A 20 -11.07 11.03 11.07
N ASP A 21 -11.76 11.22 12.19
CA ASP A 21 -12.32 10.12 12.99
C ASP A 21 -13.62 9.61 12.36
N VAL A 22 -13.67 8.33 12.03
CA VAL A 22 -14.69 7.79 11.16
C VAL A 22 -15.18 6.46 11.73
N LYS A 23 -16.45 6.17 11.51
CA LYS A 23 -17.09 5.01 12.08
C LYS A 23 -17.20 3.94 11.05
N GLY A 24 -16.87 4.27 9.80
CA GLY A 24 -17.01 3.30 8.73
C GLY A 24 -16.38 3.79 7.45
N PHE A 25 -16.42 2.90 6.46
CA PHE A 25 -15.72 3.11 5.20
C PHE A 25 -16.68 2.88 4.04
N ALA A 26 -16.84 3.88 3.19
CA ALA A 26 -17.85 3.85 2.10
C ALA A 26 -17.18 3.44 0.81
N PRO A 27 -17.86 2.66 -0.04
CA PRO A 27 -17.25 2.32 -1.34
C PRO A 27 -16.97 3.57 -2.21
N PHE A 28 -15.72 3.73 -2.61
CA PHE A 28 -15.25 4.80 -3.49
C PHE A 28 -15.39 4.34 -4.94
N SER A 29 -14.64 3.31 -5.31
CA SER A 29 -14.62 2.82 -6.68
C SER A 29 -14.25 1.38 -6.80
N LYS A 30 -14.50 0.85 -7.98
CA LYS A 30 -14.10 -0.52 -8.28
C LYS A 30 -13.88 -0.51 -9.78
N ASP A 31 -12.73 -1.01 -10.22
CA ASP A 31 -12.38 -0.98 -11.66
C ASP A 31 -12.86 -2.18 -12.48
N ASN A 32 -13.12 -3.33 -11.85
CA ASN A 32 -13.56 -4.52 -12.62
C ASN A 32 -12.57 -4.94 -13.72
N GLY A 33 -11.30 -4.66 -13.49
CA GLY A 33 -10.30 -4.74 -14.55
C GLY A 33 -10.12 -6.08 -15.23
N ILE A 34 -10.24 -7.16 -14.49
CA ILE A 34 -9.98 -8.49 -15.03
C ILE A 34 -11.18 -8.92 -15.83
N ARG A 35 -12.35 -8.62 -15.30
CA ARG A 35 -13.58 -8.90 -16.01
C ARG A 35 -13.60 -8.21 -17.39
N VAL A 36 -13.27 -6.94 -17.40
CA VAL A 36 -13.16 -6.23 -18.67
C VAL A 36 -12.03 -6.83 -19.57
N GLY A 37 -10.95 -7.31 -18.95
CA GLY A 37 -9.83 -7.88 -19.63
C GLY A 37 -10.07 -9.14 -20.43
N SER A 38 -11.27 -9.69 -20.30
CA SER A 38 -11.63 -10.91 -21.00
C SER A 38 -11.72 -10.59 -22.49
N ARG A 39 -12.08 -9.33 -22.77
CA ARG A 39 -12.28 -8.85 -24.15
C ARG A 39 -11.52 -7.55 -24.45
N GLY A 40 -11.45 -6.63 -23.49
CA GLY A 40 -10.71 -5.39 -23.68
C GLY A 40 -9.19 -5.53 -23.51
N HIS A 41 -8.47 -4.41 -23.66
CA HIS A 41 -7.01 -4.39 -23.70
C HIS A 41 -6.52 -3.81 -22.39
N ILE A 42 -6.30 -4.70 -21.43
CA ILE A 42 -6.12 -4.36 -20.03
C ILE A 42 -4.75 -4.93 -19.62
N PHE A 43 -3.92 -4.12 -18.99
CA PHE A 43 -2.63 -4.61 -18.57
C PHE A 43 -2.82 -5.65 -17.52
N VAL A 44 -1.96 -6.67 -17.55
CA VAL A 44 -1.67 -7.53 -16.40
C VAL A 44 -0.92 -6.71 -15.33
N ILE A 45 -1.50 -6.66 -14.12
CA ILE A 45 -1.00 -5.78 -13.09
C ILE A 45 -0.72 -6.42 -11.73
N ARG A 46 -0.05 -5.65 -10.89
CA ARG A 46 0.00 -5.90 -9.44
C ARG A 46 0.01 -4.55 -8.77
N GLU A 47 -0.24 -4.55 -7.47
CA GLU A 47 -0.18 -3.35 -6.63
C GLU A 47 -0.91 -2.12 -7.18
N PRO A 48 -2.22 -2.22 -7.31
CA PRO A 48 -3.05 -1.11 -7.79
C PRO A 48 -3.30 0.00 -6.72
N PHE A 49 -2.25 0.74 -6.34
CA PHE A 49 -2.38 1.70 -5.24
C PHE A 49 -3.02 3.02 -5.65
N VAL A 50 -3.67 3.68 -4.69
CA VAL A 50 -4.34 4.92 -4.96
C VAL A 50 -3.59 6.04 -4.32
N SER A 51 -3.51 7.16 -5.05
CA SER A 51 -2.98 8.41 -4.51
C SER A 51 -3.71 9.56 -5.17
N CYS A 52 -3.81 10.71 -4.46
CA CYS A 52 -4.61 11.84 -4.91
C CYS A 52 -3.90 13.20 -4.99
N SER A 53 -4.27 13.98 -5.99
CA SER A 53 -3.94 15.39 -6.08
C SER A 53 -5.11 16.27 -5.65
N PRO A 54 -4.95 17.60 -5.74
CA PRO A 54 -6.09 18.55 -5.57
C PRO A 54 -7.26 18.45 -6.55
N VAL A 55 -7.07 17.75 -7.67
CA VAL A 55 -8.08 17.63 -8.73
C VAL A 55 -8.70 16.23 -8.83
N GLY A 56 -8.04 15.21 -8.27
CA GLY A 56 -8.60 13.87 -8.30
C GLY A 56 -7.63 12.80 -7.84
N CYS A 57 -8.15 11.59 -7.77
CA CYS A 57 -7.41 10.49 -7.23
C CYS A 57 -7.09 9.60 -8.39
N ARG A 58 -5.92 8.96 -8.32
CA ARG A 58 -5.46 8.07 -9.39
C ARG A 58 -5.12 6.71 -8.86
N THR A 59 -5.31 5.70 -9.69
CA THR A 59 -4.87 4.37 -9.36
C THR A 59 -3.58 4.11 -10.13
N PHE A 60 -2.50 3.81 -9.40
CA PHE A 60 -1.21 3.43 -9.95
C PHE A 60 -1.07 1.93 -9.93
N PHE A 61 -0.26 1.41 -10.84
CA PHE A 61 -0.12 -0.02 -10.96
C PHE A 61 1.16 -0.38 -11.69
N LEU A 62 1.67 -1.57 -11.42
CA LEU A 62 2.83 -2.10 -12.12
C LEU A 62 2.33 -2.99 -13.21
N THR A 63 2.89 -2.84 -14.41
CA THR A 63 2.60 -3.67 -15.56
C THR A 63 3.80 -4.48 -15.96
N GLN A 64 3.58 -5.43 -16.88
CA GLN A 64 4.65 -6.25 -17.47
C GLN A 64 4.78 -6.01 -18.97
N GLY A 65 4.17 -4.92 -19.44
CA GLY A 65 4.07 -4.67 -20.87
C GLY A 65 3.15 -5.62 -21.60
N SER A 66 2.36 -6.36 -20.84
CA SER A 66 1.54 -7.43 -21.41
C SER A 66 0.10 -7.27 -21.04
N LEU A 67 -0.76 -7.79 -21.90
CA LEU A 67 -2.20 -7.72 -21.75
C LEU A 67 -2.81 -9.08 -21.37
N LEU A 68 -3.95 -9.02 -20.68
CA LEU A 68 -4.75 -10.18 -20.34
C LEU A 68 -5.29 -10.81 -21.62
N ASN A 69 -5.35 -12.13 -21.61
CA ASN A 69 -5.68 -12.94 -22.80
C ASN A 69 -4.60 -12.98 -23.92
N ASP A 70 -3.39 -12.57 -23.61
CA ASP A 70 -2.29 -12.66 -24.56
C ASP A 70 -1.15 -13.53 -24.00
N LYS A 71 -0.41 -14.17 -24.90
CA LYS A 71 0.70 -15.10 -24.54
C LYS A 71 1.75 -14.43 -23.65
N HIS A 72 1.93 -13.11 -23.79
CA HIS A 72 2.84 -12.36 -22.93
C HIS A 72 2.47 -12.31 -21.47
N SER A 73 1.20 -12.57 -21.16
CA SER A 73 0.77 -12.66 -19.77
C SER A 73 1.29 -13.90 -19.04
N ASN A 74 1.94 -14.82 -19.77
CA ASN A 74 2.53 -16.03 -19.16
C ASN A 74 3.36 -15.54 -17.99
N GLY A 75 3.04 -16.03 -16.79
CA GLY A 75 3.61 -15.45 -15.56
C GLY A 75 4.92 -16.07 -15.12
N THR A 76 5.59 -16.79 -16.02
CA THR A 76 6.97 -17.25 -15.79
C THR A 76 7.99 -16.08 -15.80
N VAL A 77 7.60 -14.92 -16.34
CA VAL A 77 8.48 -13.73 -16.35
C VAL A 77 8.77 -13.35 -14.91
N LYS A 78 10.02 -13.01 -14.62
CA LYS A 78 10.44 -12.45 -13.33
C LYS A 78 9.54 -11.29 -12.92
N ASP A 79 9.31 -11.11 -11.60
CA ASP A 79 8.70 -9.90 -11.05
C ASP A 79 9.58 -8.66 -11.28
N ARG A 80 10.87 -8.80 -11.01
CA ARG A 80 11.83 -7.78 -11.26
C ARG A 80 12.46 -7.95 -12.67
N SER A 81 11.64 -7.70 -13.68
CA SER A 81 12.01 -7.84 -15.06
C SER A 81 12.36 -6.48 -15.65
N PRO A 82 12.98 -6.48 -16.81
CA PRO A 82 13.25 -5.17 -17.43
C PRO A 82 12.04 -4.56 -18.11
N PHE A 83 10.94 -5.30 -18.21
CA PHE A 83 9.74 -4.79 -18.85
C PHE A 83 8.85 -4.13 -17.85
N ARG A 84 9.25 -4.06 -16.59
CA ARG A 84 8.29 -3.68 -15.56
C ARG A 84 8.23 -2.17 -15.48
N THR A 85 7.01 -1.62 -15.62
CA THR A 85 6.76 -0.18 -15.56
C THR A 85 5.59 0.22 -14.67
N LEU A 86 5.68 1.44 -14.17
CA LEU A 86 4.68 2.00 -13.33
C LEU A 86 3.88 2.84 -14.29
N MET A 87 2.57 2.61 -14.26
CA MET A 87 1.62 3.42 -14.97
C MET A 87 0.43 3.81 -14.06
N SER A 88 -0.41 4.74 -14.52
CA SER A 88 -1.59 5.16 -13.76
C SER A 88 -2.83 5.48 -14.61
N VAL A 89 -3.98 5.34 -13.97
CA VAL A 89 -5.24 5.79 -14.54
C VAL A 89 -6.05 6.52 -13.46
N GLU A 90 -7.16 7.16 -13.83
CA GLU A 90 -8.03 7.74 -12.79
C GLU A 90 -8.69 6.62 -11.95
N VAL A 91 -8.97 6.94 -10.70
CA VAL A 91 -9.53 5.98 -9.78
C VAL A 91 -10.85 5.38 -10.32
N GLY A 92 -11.00 4.07 -10.19
CA GLY A 92 -12.09 3.34 -10.83
C GLY A 92 -12.03 3.01 -12.32
N GLN A 93 -11.07 3.56 -13.04
CA GLN A 93 -10.81 3.10 -14.40
C GLN A 93 -9.99 1.81 -14.33
N SER A 94 -10.34 0.87 -15.19
CA SER A 94 -9.55 -0.30 -15.39
C SER A 94 -8.14 0.13 -15.87
N PRO A 95 -7.09 -0.72 -15.63
CA PRO A 95 -5.75 -0.45 -16.06
C PRO A 95 -5.59 -0.77 -17.56
N ASN A 96 -6.37 -0.07 -18.37
CA ASN A 96 -6.41 -0.29 -19.80
C ASN A 96 -5.32 0.51 -20.46
N VAL A 97 -4.87 0.07 -21.63
CA VAL A 97 -3.77 0.68 -22.31
C VAL A 97 -4.09 2.11 -22.75
N TYR A 98 -5.32 2.36 -23.18
CA TYR A 98 -5.55 3.58 -23.98
C TYR A 98 -5.92 4.80 -23.12
N GLN A 99 -6.09 4.59 -21.80
CA GLN A 99 -6.31 5.65 -20.84
C GLN A 99 -5.09 5.82 -19.91
N ALA A 100 -4.11 4.95 -20.04
CA ALA A 100 -3.05 4.86 -19.05
C ALA A 100 -2.02 5.97 -19.27
N ARG A 101 -1.39 6.36 -18.17
CA ARG A 101 -0.36 7.38 -18.15
C ARG A 101 0.95 6.72 -17.68
N PHE A 102 2.04 7.03 -18.36
CA PHE A 102 3.32 6.51 -18.01
C PHE A 102 3.88 7.27 -16.83
N GLU A 103 4.34 6.55 -15.79
CA GLU A 103 4.96 7.20 -14.66
C GLU A 103 6.45 6.90 -14.48
N ALA A 104 6.83 5.64 -14.44
CA ALA A 104 8.28 5.26 -14.26
C ALA A 104 8.60 3.83 -14.71
N VAL A 105 9.88 3.57 -14.97
CA VAL A 105 10.33 2.17 -15.15
C VAL A 105 10.53 1.70 -13.74
N ALA A 106 9.93 0.58 -13.37
CA ALA A 106 9.82 0.18 -11.94
C ALA A 106 9.26 -1.21 -11.74
N TRP A 107 9.87 -1.97 -10.85
CA TRP A 107 9.27 -3.18 -10.34
C TRP A 107 9.00 -2.99 -8.87
N SER A 108 9.18 -1.76 -8.37
CA SER A 108 8.70 -1.36 -7.02
C SER A 108 8.44 0.15 -7.08
N ALA A 109 7.38 0.64 -6.39
CA ALA A 109 7.01 2.06 -6.58
C ALA A 109 6.33 2.72 -5.42
N THR A 110 6.35 4.04 -5.46
CA THR A 110 5.47 4.89 -4.65
C THR A 110 5.25 6.16 -5.45
N ALA A 111 4.12 6.81 -5.20
CA ALA A 111 3.84 8.07 -5.83
C ALA A 111 2.96 8.93 -4.93
N CYS A 112 3.03 10.25 -5.13
CA CYS A 112 2.20 11.18 -4.38
C CYS A 112 2.29 12.59 -5.02
N HIS A 113 1.38 13.49 -4.64
CA HIS A 113 1.21 14.76 -5.34
C HIS A 113 1.38 15.82 -4.29
N ASP A 114 2.25 16.81 -4.49
CA ASP A 114 2.56 17.75 -3.40
C ASP A 114 1.61 18.98 -3.41
N GLY A 115 0.66 18.95 -4.33
CA GLY A 115 -0.23 20.10 -4.58
C GLY A 115 0.06 20.82 -5.91
N LYS A 116 1.32 20.77 -6.38
CA LYS A 116 1.69 21.37 -7.68
C LYS A 116 1.91 20.28 -8.75
N LYS A 117 2.78 19.29 -8.45
CA LYS A 117 3.07 18.18 -9.37
C LYS A 117 3.03 16.80 -8.74
N TRP A 118 2.99 15.78 -9.59
CA TRP A 118 3.11 14.40 -9.16
C TRP A 118 4.55 14.09 -8.98
N MET A 119 4.88 13.46 -7.86
CA MET A 119 6.16 12.80 -7.65
C MET A 119 6.01 11.29 -7.76
N ALA A 120 6.86 10.67 -8.59
CA ALA A 120 6.77 9.21 -8.75
C ALA A 120 8.16 8.63 -8.63
N ILE A 121 8.28 7.50 -7.97
CA ILE A 121 9.56 6.85 -7.71
C ILE A 121 9.53 5.39 -8.12
N GLY A 122 10.36 5.02 -9.07
CA GLY A 122 10.40 3.67 -9.51
C GLY A 122 11.76 3.02 -9.34
N VAL A 123 11.76 1.82 -8.80
CA VAL A 123 12.98 1.07 -8.66
C VAL A 123 13.08 0.03 -9.77
N THR A 124 14.19 0.04 -10.48
CA THR A 124 14.45 -0.95 -11.48
C THR A 124 15.94 -1.27 -11.43
N GLY A 125 16.42 -2.01 -12.43
CA GLY A 125 17.84 -2.32 -12.51
C GLY A 125 18.03 -3.60 -11.73
N PRO A 126 19.30 -4.01 -11.51
CA PRO A 126 19.70 -5.32 -10.95
C PRO A 126 19.54 -5.43 -9.45
N ASP A 127 19.26 -6.65 -8.99
CA ASP A 127 19.12 -6.92 -7.57
C ASP A 127 20.24 -6.33 -6.69
N SER A 128 21.48 -6.38 -7.16
CA SER A 128 22.62 -6.09 -6.30
C SER A 128 23.02 -4.64 -6.31
N LYS A 129 22.42 -3.86 -7.19
CA LYS A 129 22.74 -2.45 -7.33
C LYS A 129 21.62 -1.70 -8.06
N ALA A 130 20.45 -1.70 -7.46
CA ALA A 130 19.26 -1.21 -8.16
C ALA A 130 19.16 0.30 -8.04
N VAL A 131 18.35 0.86 -8.90
CA VAL A 131 18.22 2.31 -8.98
C VAL A 131 16.75 2.71 -8.82
N ALA A 132 16.55 3.61 -7.86
CA ALA A 132 15.31 4.35 -7.67
C ALA A 132 15.42 5.67 -8.42
N VAL A 133 14.53 5.86 -9.39
CA VAL A 133 14.50 7.08 -10.11
C VAL A 133 13.33 7.90 -9.69
N VAL A 134 13.62 9.09 -9.19
CA VAL A 134 12.59 10.01 -8.80
C VAL A 134 12.15 10.77 -10.03
N HIS A 135 10.83 10.73 -10.27
CA HIS A 135 10.14 11.62 -11.24
C HIS A 135 9.29 12.73 -10.56
N TYR A 136 9.36 13.93 -11.11
CA TYR A 136 8.53 15.02 -10.65
C TYR A 136 8.09 15.77 -11.90
N GLY A 137 6.78 15.93 -12.07
CA GLY A 137 6.20 16.61 -13.20
C GLY A 137 6.38 15.95 -14.56
N GLY A 138 6.50 14.63 -14.56
CA GLY A 138 6.77 13.84 -15.76
C GLY A 138 8.22 13.65 -16.22
N VAL A 139 9.23 13.97 -15.40
CA VAL A 139 10.65 13.75 -15.83
C VAL A 139 11.52 13.33 -14.64
N PRO A 140 12.65 12.62 -14.89
CA PRO A 140 13.61 12.31 -13.81
C PRO A 140 14.19 13.57 -13.21
N THR A 141 14.24 13.64 -11.90
CA THR A 141 14.87 14.77 -11.20
C THR A 141 15.95 14.31 -10.20
N ASP A 142 15.93 13.05 -9.77
CA ASP A 142 16.96 12.54 -8.82
C ASP A 142 16.89 11.04 -8.78
N VAL A 143 17.88 10.45 -8.13
CA VAL A 143 17.93 9.03 -7.92
C VAL A 143 18.47 8.68 -6.51
N VAL A 144 18.15 7.47 -6.07
CA VAL A 144 18.75 6.84 -4.91
C VAL A 144 19.23 5.50 -5.37
N ASN A 145 20.54 5.23 -5.31
CA ASN A 145 21.07 3.88 -5.58
C ASN A 145 21.02 2.99 -4.33
N SER A 146 20.84 1.68 -4.57
CA SER A 146 20.86 0.67 -3.52
C SER A 146 22.06 0.87 -2.58
N TRP A 147 21.82 0.93 -1.27
CA TRP A 147 22.89 1.22 -0.31
C TRP A 147 23.42 -0.05 0.39
N ALA A 148 22.68 -1.13 0.20
CA ALA A 148 22.96 -2.41 0.81
C ALA A 148 23.01 -3.52 -0.20
N GLY A 149 22.93 -3.18 -1.50
CA GLY A 149 23.06 -4.17 -2.58
C GLY A 149 22.18 -5.40 -2.49
N ASP A 150 20.98 -5.27 -1.88
CA ASP A 150 20.00 -6.38 -1.80
C ASP A 150 18.52 -5.93 -1.99
N ILE A 151 18.15 -5.77 -3.26
CA ILE A 151 16.81 -5.45 -3.72
C ILE A 151 16.25 -4.22 -3.06
N LEU A 152 16.84 -3.08 -3.37
CA LEU A 152 16.30 -1.79 -2.98
C LEU A 152 14.84 -1.76 -3.38
N ARG A 153 13.98 -1.32 -2.46
CA ARG A 153 12.54 -1.41 -2.67
C ARG A 153 11.76 -0.45 -1.78
N THR A 154 10.47 -0.23 -2.11
CA THR A 154 9.71 0.83 -1.44
C THR A 154 8.25 0.43 -1.14
N GLN A 155 7.37 1.40 -1.03
CA GLN A 155 6.11 1.17 -0.33
C GLN A 155 5.11 0.32 -1.10
N GLU A 156 5.10 0.52 -2.41
CA GLU A 156 4.01 0.08 -3.28
C GLU A 156 2.70 0.74 -2.85
N SER A 157 2.77 1.95 -2.31
CA SER A 157 1.59 2.75 -2.07
C SER A 157 1.92 4.21 -2.07
N SER A 158 0.89 5.03 -1.90
CA SER A 158 1.05 6.47 -1.83
C SER A 158 2.14 6.84 -0.87
N CYS A 159 3.06 7.72 -1.31
CA CYS A 159 3.93 8.39 -0.35
C CYS A 159 3.13 9.56 0.17
N THR A 160 3.73 10.35 1.05
CA THR A 160 2.97 11.33 1.81
C THR A 160 3.62 12.69 1.68
N CYS A 161 2.82 13.72 1.39
CA CYS A 161 3.32 15.05 1.16
C CYS A 161 2.72 16.06 2.17
N ILE A 162 3.60 16.75 2.89
CA ILE A 162 3.24 17.77 3.88
C ILE A 162 3.97 19.07 3.56
N GLN A 163 3.24 20.13 3.25
CA GLN A 163 3.86 21.45 3.04
C GLN A 163 4.96 21.49 1.94
N GLY A 164 4.80 20.68 0.90
CA GLY A 164 5.68 20.72 -0.25
C GLY A 164 6.84 19.77 -0.12
N ASN A 165 6.92 19.06 1.00
CA ASN A 165 7.97 18.08 1.24
C ASN A 165 7.38 16.72 1.30
N CYS A 166 7.94 15.77 0.54
CA CYS A 166 7.29 14.48 0.35
C CYS A 166 8.16 13.36 0.91
N TYR A 167 7.51 12.40 1.55
CA TYR A 167 8.16 11.45 2.43
C TYR A 167 7.87 10.02 2.03
N TRP A 168 8.92 9.19 1.97
CA TRP A 168 8.76 7.76 1.79
C TRP A 168 9.81 6.91 2.44
N VAL A 169 9.53 5.62 2.50
CA VAL A 169 10.32 4.65 3.22
C VAL A 169 10.81 3.57 2.27
N MET A 170 12.08 3.21 2.39
CA MET A 170 12.67 2.20 1.51
C MET A 170 13.40 1.17 2.34
N THR A 171 13.59 0.01 1.73
CA THR A 171 14.28 -1.10 2.39
C THR A 171 15.30 -1.73 1.43
N ASP A 172 16.45 -2.08 1.95
CA ASP A 172 17.52 -2.73 1.16
C ASP A 172 18.08 -3.79 2.07
N GLY A 173 18.03 -5.04 1.61
CA GLY A 173 18.47 -6.15 2.43
C GLY A 173 17.58 -7.36 2.29
N PRO A 174 17.88 -8.41 3.06
CA PRO A 174 17.15 -9.68 3.08
C PRO A 174 15.63 -9.54 3.18
N ALA A 175 14.90 -10.40 2.47
CA ALA A 175 13.43 -10.44 2.50
C ALA A 175 12.83 -11.21 3.72
N ASN A 176 13.64 -11.94 4.46
CA ASN A 176 13.17 -12.86 5.52
C ASN A 176 13.95 -12.79 6.88
N ARG A 177 14.86 -11.83 7.01
CA ARG A 177 15.61 -11.59 8.25
C ARG A 177 16.01 -10.13 8.27
N GLN A 178 16.97 -9.76 9.10
CA GLN A 178 17.30 -8.36 9.30
C GLN A 178 17.72 -7.75 7.98
N ALA A 179 17.21 -6.54 7.74
CA ALA A 179 17.50 -5.77 6.54
C ALA A 179 17.70 -4.38 7.06
N GLN A 180 17.93 -3.43 6.15
CA GLN A 180 18.15 -2.03 6.54
C GLN A 180 17.07 -1.16 5.96
N TYR A 181 16.75 -0.07 6.66
CA TYR A 181 15.56 0.70 6.36
C TYR A 181 15.90 2.17 6.36
N ARG A 182 15.34 2.91 5.41
CA ARG A 182 15.60 4.31 5.33
C ARG A 182 14.36 5.05 5.01
N ILE A 183 14.32 6.25 5.53
CA ILE A 183 13.28 7.19 5.23
C ILE A 183 13.91 8.30 4.43
N TYR A 184 13.12 8.81 3.48
CA TYR A 184 13.58 9.86 2.59
C TYR A 184 12.65 11.05 2.55
N LYS A 185 13.21 12.21 2.27
CA LYS A 185 12.48 13.46 2.18
C LYS A 185 12.83 14.21 0.93
N ALA A 186 11.80 14.66 0.20
CA ALA A 186 12.04 15.36 -1.05
C ALA A 186 11.13 16.57 -1.26
N ASN A 187 11.72 17.59 -1.87
CA ASN A 187 10.99 18.78 -2.32
C ASN A 187 11.24 18.93 -3.81
N GLN A 188 10.16 19.16 -4.56
CA GLN A 188 10.22 19.34 -5.99
C GLN A 188 11.11 18.37 -6.74
N GLY A 189 11.08 17.12 -6.34
CA GLY A 189 11.75 16.08 -7.06
C GLY A 189 13.16 15.78 -6.58
N LYS A 190 13.65 16.60 -5.65
CA LYS A 190 15.05 16.58 -5.20
C LYS A 190 15.12 16.14 -3.76
N ILE A 191 15.92 15.11 -3.50
CA ILE A 191 16.11 14.64 -2.14
C ILE A 191 16.87 15.64 -1.33
N ILE A 192 16.26 16.06 -0.22
CA ILE A 192 16.78 17.04 0.73
C ILE A 192 17.08 16.44 2.12
N GLY A 193 16.81 15.14 2.32
CA GLY A 193 17.27 14.48 3.52
C GLY A 193 16.94 13.01 3.53
N ARG A 194 17.77 12.24 4.21
CA ARG A 194 17.52 10.82 4.45
C ARG A 194 17.96 10.48 5.88
N LYS A 195 17.35 9.44 6.47
CA LYS A 195 17.69 8.91 7.79
C LYS A 195 17.61 7.39 7.77
N ASP A 196 18.54 6.74 8.46
CA ASP A 196 18.55 5.31 8.63
C ASP A 196 17.71 5.07 9.86
N VAL A 197 16.80 4.11 9.74
CA VAL A 197 15.88 3.74 10.80
C VAL A 197 16.52 2.56 11.56
N SER A 198 16.86 2.81 12.82
CA SER A 198 17.44 1.75 13.64
C SER A 198 16.33 0.87 14.26
N PHE A 199 16.37 -0.41 13.94
CA PHE A 199 15.27 -1.28 14.27
C PHE A 199 15.81 -2.69 14.35
N SER A 200 16.66 -2.96 15.34
CA SER A 200 17.32 -4.27 15.40
C SER A 200 16.33 -5.31 15.83
N GLY A 201 16.35 -6.45 15.14
CA GLY A 201 15.39 -7.49 15.33
C GLY A 201 14.04 -7.22 14.69
N GLY A 202 13.80 -5.99 14.23
CA GLY A 202 12.57 -5.61 13.57
C GLY A 202 12.73 -5.61 12.06
N HIS A 203 11.63 -5.88 11.36
CA HIS A 203 11.64 -5.91 9.90
C HIS A 203 10.61 -4.94 9.34
N ILE A 204 10.96 -4.28 8.24
CA ILE A 204 10.07 -3.32 7.58
C ILE A 204 10.05 -3.50 6.07
N GLU A 205 8.87 -3.71 5.55
CA GLU A 205 8.63 -3.73 4.10
C GLU A 205 7.36 -3.00 3.79
N GLU A 206 7.30 -2.39 2.63
CA GLU A 206 6.01 -2.13 1.96
C GLU A 206 5.05 -1.35 2.84
N CYS A 207 5.52 -0.22 3.33
CA CYS A 207 4.83 0.59 4.31
C CYS A 207 3.60 1.28 3.72
N SER A 208 2.51 1.35 4.50
CA SER A 208 1.31 2.10 4.10
C SER A 208 1.18 3.32 4.99
N CYS A 209 1.42 4.50 4.41
CA CYS A 209 1.57 5.67 5.18
C CYS A 209 0.49 6.69 4.83
N TYR A 210 0.31 7.64 5.74
CA TYR A 210 -0.63 8.71 5.58
C TYR A 210 -0.17 9.86 6.46
N PRO A 211 -0.59 11.11 6.14
CA PRO A 211 -0.40 12.25 7.03
C PRO A 211 -1.43 12.30 8.17
N ASN A 212 -1.00 12.78 9.33
CA ASN A 212 -1.87 12.97 10.47
C ASN A 212 -1.22 13.98 11.43
N ASP A 213 -1.83 15.15 11.57
CA ASP A 213 -1.39 16.13 12.55
C ASP A 213 -0.01 16.72 12.20
N GLY A 214 0.37 16.66 10.92
CA GLY A 214 1.69 17.16 10.49
C GLY A 214 2.88 16.21 10.69
N LYS A 215 2.62 14.92 10.93
CA LYS A 215 3.65 13.86 10.86
C LYS A 215 3.23 12.80 9.84
N VAL A 216 4.16 11.92 9.50
CA VAL A 216 3.88 10.79 8.63
C VAL A 216 3.82 9.55 9.49
N GLU A 217 2.71 8.84 9.45
CA GLU A 217 2.58 7.59 10.14
C GLU A 217 2.48 6.45 9.13
N CYS A 218 3.25 5.40 9.37
CA CYS A 218 3.25 4.28 8.47
C CYS A 218 3.00 3.03 9.26
N VAL A 219 2.30 2.09 8.63
CA VAL A 219 2.03 0.78 9.17
C VAL A 219 2.52 -0.14 8.09
N CYS A 220 3.52 -0.92 8.45
CA CYS A 220 4.33 -1.62 7.45
C CYS A 220 4.17 -3.15 7.59
N ARG A 221 4.98 -3.91 6.89
CA ARG A 221 4.87 -5.37 6.93
C ARG A 221 6.16 -5.96 7.49
N ASP A 222 6.03 -6.82 8.51
CA ASP A 222 7.15 -7.60 9.02
C ASP A 222 7.17 -8.98 8.34
N ASN A 223 8.26 -9.25 7.61
CA ASN A 223 8.40 -10.49 6.85
C ASN A 223 9.34 -11.47 7.50
N TRP A 224 9.80 -11.15 8.69
CA TRP A 224 10.76 -11.94 9.45
C TRP A 224 9.99 -12.77 10.51
N THR A 225 9.76 -12.23 11.70
CA THR A 225 9.13 -13.02 12.73
C THR A 225 7.74 -12.51 13.18
N GLY A 226 7.32 -11.34 12.70
CA GLY A 226 6.14 -10.69 13.28
C GLY A 226 4.87 -10.88 12.47
N THR A 227 3.83 -11.38 13.14
CA THR A 227 2.45 -11.38 12.63
C THR A 227 1.74 -10.08 13.01
N ASN A 228 2.38 -9.24 13.82
CA ASN A 228 1.96 -7.86 13.96
C ASN A 228 2.74 -6.97 13.00
N ARG A 229 2.20 -5.78 12.81
CA ARG A 229 2.72 -4.82 11.93
C ARG A 229 3.55 -3.72 12.61
N PRO A 230 4.71 -3.40 12.03
CA PRO A 230 5.48 -2.32 12.56
C PRO A 230 4.81 -0.98 12.28
N VAL A 231 5.12 -0.01 13.12
CA VAL A 231 4.63 1.34 12.99
C VAL A 231 5.81 2.31 13.01
N LEU A 232 5.77 3.27 12.09
CA LEU A 232 6.82 4.26 11.91
C LEU A 232 6.19 5.65 11.90
N ILE A 233 6.65 6.54 12.77
CA ILE A 233 6.10 7.88 12.85
C ILE A 233 7.19 8.92 12.62
N ILE A 234 7.04 9.63 11.50
CA ILE A 234 8.09 10.47 10.97
C ILE A 234 7.78 11.95 11.13
N SER A 235 8.68 12.66 11.77
CA SER A 235 8.49 14.09 11.94
C SER A 235 9.14 14.74 10.74
N PRO A 236 8.74 15.98 10.40
CA PRO A 236 9.38 16.65 9.22
C PRO A 236 10.88 16.85 9.31
N ASP A 237 11.46 16.93 10.50
CA ASP A 237 12.92 16.95 10.58
C ASP A 237 13.58 15.54 10.47
N LEU A 238 12.76 14.51 10.29
CA LEU A 238 13.21 13.14 10.05
C LEU A 238 13.63 12.36 11.30
N SER A 239 13.54 12.98 12.47
CA SER A 239 13.51 12.17 13.68
C SER A 239 12.24 11.32 13.49
N TYR A 240 12.26 10.11 14.05
CA TYR A 240 11.17 9.17 13.85
C TYR A 240 10.96 8.43 15.16
N ARG A 241 9.79 7.83 15.32
CA ARG A 241 9.58 6.83 16.34
C ARG A 241 9.26 5.53 15.61
N VAL A 242 9.77 4.44 16.14
CA VAL A 242 9.60 3.15 15.49
C VAL A 242 9.30 2.09 16.57
N GLY A 243 8.42 1.17 16.21
CA GLY A 243 7.95 0.12 17.10
C GLY A 243 6.95 -0.71 16.33
N TYR A 244 5.99 -1.31 17.06
CA TYR A 244 4.93 -2.16 16.51
C TYR A 244 3.55 -1.60 16.91
N LEU A 245 2.55 -1.87 16.08
CA LEU A 245 1.20 -1.46 16.38
C LEU A 245 0.81 -2.13 17.70
N CYS A 246 0.53 -1.32 18.71
CA CYS A 246 0.34 -1.81 20.09
C CYS A 246 -0.69 -2.90 20.24
N ALA A 247 -1.73 -2.81 19.43
CA ALA A 247 -2.94 -3.62 19.59
C ALA A 247 -2.71 -5.15 19.74
N GLY A 248 -3.59 -5.78 20.54
CA GLY A 248 -3.56 -7.21 20.83
C GLY A 248 -4.30 -8.06 19.82
N LEU A 249 -4.41 -7.59 18.58
CA LEU A 249 -4.89 -8.44 17.50
C LEU A 249 -3.88 -8.38 16.34
N PRO A 250 -3.45 -9.56 15.84
CA PRO A 250 -2.47 -9.52 14.73
C PRO A 250 -3.18 -9.23 13.41
N SER A 251 -2.56 -8.39 12.57
CA SER A 251 -3.19 -8.01 11.32
C SER A 251 -2.40 -8.40 10.09
N ASP A 252 -1.30 -9.13 10.28
CA ASP A 252 -0.54 -9.66 9.13
C ASP A 252 -1.22 -10.94 8.66
N THR A 253 -0.76 -11.48 7.55
CA THR A 253 -1.15 -12.79 7.08
C THR A 253 0.12 -13.40 6.54
N PRO A 254 0.48 -14.61 6.98
CA PRO A 254 -0.25 -15.48 7.89
C PRO A 254 -0.13 -15.00 9.32
N ARG A 255 -1.05 -15.43 10.16
CA ARG A 255 -1.00 -15.08 11.58
C ARG A 255 -1.56 -16.22 12.40
N GLY A 256 -1.42 -16.11 13.72
CA GLY A 256 -1.98 -17.08 14.66
C GLY A 256 -3.36 -16.61 15.08
N GLU A 257 -4.12 -17.50 15.73
CA GLU A 257 -5.43 -17.15 16.26
C GLU A 257 -5.36 -15.85 17.10
N ASP A 258 -6.44 -15.07 17.05
CA ASP A 258 -6.57 -13.91 17.92
C ASP A 258 -6.44 -14.29 19.42
N THR A 259 -7.10 -15.38 19.84
CA THR A 259 -7.17 -15.74 21.26
C THR A 259 -5.77 -15.94 21.87
N GLN A 260 -4.91 -16.64 21.13
CA GLN A 260 -3.48 -16.84 21.43
C GLN A 260 -2.64 -15.56 21.60
N PHE A 261 -3.00 -14.50 20.85
CA PHE A 261 -2.10 -13.33 20.66
C PHE A 261 -1.97 -12.42 21.88
N VAL A 262 -0.74 -12.02 22.17
CA VAL A 262 -0.47 -10.96 23.12
C VAL A 262 0.25 -9.88 22.32
N GLY A 263 -0.26 -8.66 22.34
CA GLY A 263 0.34 -7.57 21.57
C GLY A 263 1.62 -7.05 22.21
N SER A 264 2.23 -6.07 21.56
CA SER A 264 3.47 -5.47 22.00
C SER A 264 3.64 -4.17 21.25
N CYS A 265 3.83 -3.08 22.00
CA CYS A 265 4.18 -1.79 21.42
C CYS A 265 5.65 -1.72 20.88
N THR A 266 6.50 -2.69 21.24
CA THR A 266 7.96 -2.60 20.89
C THR A 266 8.56 -3.73 20.05
N SER A 267 7.94 -4.91 20.08
CA SER A 267 8.51 -6.13 19.52
C SER A 267 7.56 -6.78 18.53
N PRO A 268 8.12 -7.54 17.58
CA PRO A 268 7.26 -8.38 16.79
C PRO A 268 6.81 -9.53 17.67
N MET A 269 5.59 -9.98 17.43
CA MET A 269 5.01 -11.07 18.19
C MET A 269 4.43 -12.04 17.20
N GLY A 270 4.14 -13.25 17.68
CA GLY A 270 3.51 -14.28 16.85
C GLY A 270 4.45 -15.31 16.24
N ASN A 271 5.73 -14.95 16.07
CA ASN A 271 6.76 -15.86 15.61
C ASN A 271 6.35 -16.73 14.43
N GLN A 272 5.99 -16.05 13.34
CA GLN A 272 5.80 -16.68 12.03
C GLN A 272 6.43 -15.75 10.99
N GLY A 273 6.95 -16.34 9.91
CA GLY A 273 7.48 -15.59 8.78
C GLY A 273 6.38 -15.15 7.83
N TYR A 274 6.79 -14.87 6.59
CA TYR A 274 5.89 -14.38 5.54
C TYR A 274 5.12 -13.12 5.95
N GLY A 275 4.12 -12.74 5.15
CA GLY A 275 3.52 -11.42 5.28
C GLY A 275 2.71 -10.97 4.07
N VAL A 276 1.98 -9.88 4.27
CA VAL A 276 1.33 -9.23 3.17
C VAL A 276 1.32 -7.75 3.47
N LYS A 277 1.47 -6.91 2.44
CA LYS A 277 1.31 -5.47 2.64
C LYS A 277 -0.09 -5.19 3.20
N GLY A 278 -0.18 -4.29 4.14
CA GLY A 278 -1.45 -3.96 4.78
C GLY A 278 -1.32 -2.59 5.38
N PHE A 279 -2.31 -2.20 6.19
CA PHE A 279 -2.44 -0.81 6.61
C PHE A 279 -3.17 -0.65 7.92
N GLY A 280 -3.14 0.57 8.43
CA GLY A 280 -3.97 0.93 9.58
C GLY A 280 -4.02 2.43 9.72
N PHE A 281 -5.03 2.95 10.44
CA PHE A 281 -5.13 4.38 10.71
C PHE A 281 -5.32 4.68 12.19
N ARG A 282 -4.41 5.48 12.75
CA ARG A 282 -4.68 6.05 14.06
C ARG A 282 -5.98 6.86 14.10
N GLN A 283 -6.77 6.64 15.16
CA GLN A 283 -7.98 7.40 15.46
C GLN A 283 -7.87 7.91 16.91
N GLY A 284 -7.26 9.06 17.12
CA GLY A 284 -6.87 9.47 18.44
C GLY A 284 -5.94 8.42 19.02
N THR A 285 -6.48 7.58 19.93
CA THR A 285 -5.74 6.47 20.56
C THR A 285 -6.23 5.08 20.10
N ASP A 286 -7.37 5.05 19.40
CA ASP A 286 -7.86 3.82 18.80
C ASP A 286 -7.09 3.56 17.50
N VAL A 287 -7.39 2.45 16.85
CA VAL A 287 -6.82 2.16 15.53
C VAL A 287 -7.82 1.42 14.67
N TRP A 288 -7.87 1.77 13.38
CA TRP A 288 -8.54 0.92 12.42
C TRP A 288 -7.46 0.09 11.80
N VAL A 289 -7.71 -1.21 11.69
CA VAL A 289 -6.74 -2.09 11.10
C VAL A 289 -7.42 -2.96 10.06
N GLY A 290 -6.74 -3.09 8.90
CA GLY A 290 -7.15 -4.01 7.85
C GLY A 290 -6.49 -5.37 7.99
N ARG A 291 -7.17 -6.43 7.56
CA ARG A 291 -6.55 -7.76 7.44
C ARG A 291 -7.40 -8.68 6.58
N THR A 292 -6.74 -9.69 6.04
CA THR A 292 -7.47 -10.75 5.33
C THR A 292 -8.30 -11.52 6.38
N ILE A 293 -9.34 -12.23 5.95
CA ILE A 293 -10.22 -12.90 6.92
C ILE A 293 -9.55 -14.17 7.40
N SER A 294 -9.23 -15.03 6.46
CA SER A 294 -8.37 -16.17 6.68
C SER A 294 -7.08 -15.74 7.35
N ARG A 295 -6.56 -16.60 8.21
CA ARG A 295 -5.31 -16.34 8.88
C ARG A 295 -4.16 -16.93 8.09
N THR A 296 -4.46 -17.81 7.13
CA THR A 296 -3.44 -18.61 6.43
C THR A 296 -3.26 -18.23 4.96
N SER A 297 -4.26 -17.59 4.38
CA SER A 297 -4.17 -17.20 2.99
C SER A 297 -4.75 -15.81 2.76
N ARG A 298 -4.48 -15.31 1.57
CA ARG A 298 -4.86 -13.96 1.17
C ARG A 298 -6.28 -13.93 0.61
N SER A 299 -7.21 -14.31 1.46
CA SER A 299 -8.60 -14.41 1.10
C SER A 299 -9.36 -13.51 2.09
N GLY A 300 -10.41 -12.86 1.60
CA GLY A 300 -11.25 -12.03 2.44
C GLY A 300 -10.61 -10.69 2.76
N PHE A 301 -11.45 -9.72 3.14
CA PHE A 301 -10.99 -8.47 3.71
C PHE A 301 -11.98 -7.86 4.70
N GLU A 302 -11.42 -7.51 5.86
CA GLU A 302 -12.14 -6.95 6.98
C GLU A 302 -11.34 -5.79 7.52
N ILE A 303 -12.07 -4.78 7.97
CA ILE A 303 -11.45 -3.71 8.72
C ILE A 303 -12.02 -3.64 10.16
N ILE A 304 -11.12 -3.57 11.15
CA ILE A 304 -11.47 -3.59 12.58
C ILE A 304 -10.93 -2.35 13.32
N ARG A 305 -11.80 -1.68 14.09
CA ARG A 305 -11.38 -0.62 14.98
C ARG A 305 -11.10 -1.17 16.37
N ILE A 306 -9.92 -0.86 16.90
CA ILE A 306 -9.56 -1.31 18.25
C ILE A 306 -9.61 -0.10 19.16
N LYS A 307 -10.42 -0.20 20.22
CA LYS A 307 -10.41 0.81 21.27
C LYS A 307 -9.00 0.88 21.87
N ASN A 308 -8.39 2.06 21.80
CA ASN A 308 -7.09 2.29 22.39
C ASN A 308 -5.94 1.48 21.76
N GLY A 309 -6.16 0.94 20.57
CA GLY A 309 -5.22 0.02 19.95
C GLY A 309 -3.94 0.61 19.39
N TRP A 310 -3.86 1.94 19.33
CA TRP A 310 -2.62 2.63 18.95
C TRP A 310 -1.69 2.85 20.17
N THR A 311 -2.25 2.88 21.39
CA THR A 311 -1.45 3.19 22.59
C THR A 311 -1.32 2.03 23.60
N GLN A 312 -2.06 0.94 23.38
CA GLN A 312 -2.17 -0.12 24.38
C GLN A 312 -2.36 -1.43 23.68
N THR A 313 -2.12 -2.52 24.39
CA THR A 313 -2.18 -3.82 23.80
C THR A 313 -3.62 -4.23 23.89
N SER A 314 -4.48 -3.38 23.34
CA SER A 314 -5.93 -3.57 23.44
C SER A 314 -6.41 -4.72 22.53
N LYS A 315 -7.43 -5.44 23.02
CA LYS A 315 -8.19 -6.37 22.22
C LYS A 315 -9.63 -5.90 22.19
N GLU A 316 -9.85 -4.65 22.61
CA GLU A 316 -11.20 -4.10 22.62
C GLU A 316 -11.63 -3.73 21.17
N GLN A 317 -12.27 -4.70 20.52
CA GLN A 317 -12.85 -4.51 19.19
C GLN A 317 -14.20 -3.82 19.32
N ILE A 318 -14.39 -2.68 18.65
CA ILE A 318 -15.68 -1.96 18.71
C ILE A 318 -16.36 -1.69 17.36
N ARG A 319 -15.69 -2.05 16.28
CA ARG A 319 -16.28 -1.99 14.95
C ARG A 319 -15.64 -3.02 14.02
N ARG A 320 -16.45 -3.59 13.14
CA ARG A 320 -15.96 -4.50 12.12
C ARG A 320 -16.81 -4.45 10.85
N GLN A 321 -16.15 -4.22 9.72
CA GLN A 321 -16.84 -4.12 8.47
C GLN A 321 -16.08 -5.02 7.48
N VAL A 322 -16.83 -5.95 6.89
CA VAL A 322 -16.30 -6.84 5.90
C VAL A 322 -16.48 -6.13 4.57
N VAL A 323 -15.44 -6.19 3.74
CA VAL A 323 -15.41 -5.53 2.42
C VAL A 323 -15.22 -6.55 1.32
N VAL A 324 -14.50 -7.64 1.64
CA VAL A 324 -14.46 -8.78 0.74
C VAL A 324 -14.71 -10.07 1.55
N ASP A 325 -15.62 -10.95 1.10
CA ASP A 325 -15.93 -12.14 1.91
C ASP A 325 -14.83 -13.19 1.77
N ASN A 326 -14.77 -14.09 2.76
CA ASN A 326 -13.70 -15.06 2.88
C ASN A 326 -13.77 -16.20 1.88
N SER A 327 -14.75 -16.14 0.99
CA SER A 327 -14.83 -17.03 -0.18
C SER A 327 -14.11 -16.44 -1.42
N ASN A 328 -13.53 -15.25 -1.29
CA ASN A 328 -12.99 -14.52 -2.42
C ASN A 328 -11.58 -14.02 -2.16
N TRP A 329 -10.81 -13.94 -3.23
CA TRP A 329 -9.40 -13.67 -3.10
C TRP A 329 -9.20 -12.18 -2.87
N SER A 330 -8.28 -11.88 -1.96
CA SER A 330 -7.87 -10.51 -1.69
C SER A 330 -6.38 -10.39 -2.04
N GLY A 331 -5.59 -9.74 -1.20
CA GLY A 331 -4.18 -9.48 -1.48
C GLY A 331 -3.66 -8.31 -0.69
N TYR A 332 -2.75 -7.56 -1.31
CA TYR A 332 -2.21 -6.36 -0.71
C TYR A 332 -3.33 -5.38 -0.42
N SER A 333 -3.10 -4.55 0.59
CA SER A 333 -3.88 -3.34 0.77
C SER A 333 -2.98 -2.21 1.20
N GLY A 334 -3.43 -1.00 0.99
CA GLY A 334 -2.63 0.17 1.31
C GLY A 334 -3.49 1.37 1.59
N SER A 335 -2.87 2.37 2.21
CA SER A 335 -3.57 3.58 2.61
C SER A 335 -3.25 4.84 1.78
N PHE A 336 -4.20 5.79 1.83
CA PHE A 336 -3.97 7.15 1.34
C PHE A 336 -4.96 8.05 1.99
N THR A 337 -4.88 9.35 1.71
CA THR A 337 -5.88 10.30 2.20
C THR A 337 -6.40 11.27 1.14
N LEU A 338 -7.60 11.79 1.36
CA LEU A 338 -8.12 12.76 0.43
C LEU A 338 -7.64 14.10 0.88
N PRO A 339 -7.14 14.89 -0.05
CA PRO A 339 -6.91 16.26 0.32
C PRO A 339 -8.20 17.03 0.74
N VAL A 340 -8.01 18.00 1.61
CA VAL A 340 -9.04 18.94 2.06
C VAL A 340 -9.74 19.72 0.92
N GLU A 341 -9.01 20.02 -0.15
CA GLU A 341 -9.52 20.80 -1.29
C GLU A 341 -10.51 19.98 -2.14
N LEU A 342 -10.33 18.65 -2.20
CA LEU A 342 -11.34 17.77 -2.81
C LEU A 342 -12.43 17.40 -1.82
N SER A 343 -12.04 17.02 -0.62
CA SER A 343 -13.02 16.53 0.34
C SER A 343 -13.93 17.64 0.86
N GLY A 344 -13.45 18.88 0.90
CA GLY A 344 -14.16 19.98 1.57
C GLY A 344 -14.24 19.93 3.10
N ARG A 345 -13.54 19.00 3.73
CA ARG A 345 -13.63 18.89 5.19
C ARG A 345 -12.47 19.62 5.85
N GLU A 346 -12.44 19.59 7.17
CA GLU A 346 -11.37 20.21 7.94
C GLU A 346 -10.32 19.19 8.40
N CYS A 347 -10.63 17.91 8.23
CA CYS A 347 -9.69 16.83 8.57
C CYS A 347 -9.32 16.03 7.31
N LEU A 348 -8.34 15.15 7.44
CA LEU A 348 -7.88 14.34 6.31
C LEU A 348 -8.66 13.02 6.30
N VAL A 349 -9.46 12.79 5.28
CA VAL A 349 -10.27 11.61 5.25
C VAL A 349 -9.38 10.42 4.99
N PRO A 350 -9.48 9.35 5.84
CA PRO A 350 -8.69 8.16 5.60
C PRO A 350 -9.35 7.18 4.64
N CYS A 351 -8.59 6.73 3.63
CA CYS A 351 -9.08 5.83 2.61
C CYS A 351 -8.15 4.67 2.39
N PHE A 352 -8.67 3.56 1.91
CA PHE A 352 -7.81 2.47 1.55
C PHE A 352 -8.26 1.73 0.32
N TRP A 353 -7.32 0.94 -0.19
CA TRP A 353 -7.55 0.07 -1.29
C TRP A 353 -7.20 -1.37 -0.95
N VAL A 354 -7.97 -2.28 -1.54
CA VAL A 354 -7.72 -3.68 -1.48
C VAL A 354 -7.52 -4.22 -2.89
N GLU A 355 -6.41 -4.94 -3.06
CA GLU A 355 -6.09 -5.65 -4.27
C GLU A 355 -6.68 -7.06 -4.18
N MET A 356 -7.28 -7.51 -5.29
CA MET A 356 -7.87 -8.80 -5.38
C MET A 356 -7.16 -9.60 -6.47
N ILE A 357 -6.34 -10.52 -6.02
CA ILE A 357 -5.46 -11.30 -6.87
C ILE A 357 -6.21 -12.44 -7.50
N ARG A 358 -6.06 -12.58 -8.80
CA ARG A 358 -6.63 -13.69 -9.56
C ARG A 358 -5.54 -14.43 -10.33
N GLY A 359 -5.76 -15.74 -10.54
CA GLY A 359 -4.88 -16.57 -11.33
C GLY A 359 -3.85 -17.30 -10.48
N ARG A 360 -2.75 -17.71 -11.09
CA ARG A 360 -1.68 -18.44 -10.39
C ARG A 360 -1.31 -17.64 -9.11
N PRO A 361 -0.96 -18.32 -7.99
CA PRO A 361 -0.91 -19.76 -7.71
C PRO A 361 -2.27 -20.41 -7.50
N GLU A 362 -3.21 -19.69 -6.91
CA GLU A 362 -4.41 -20.31 -6.36
C GLU A 362 -5.33 -20.96 -7.38
N GLU A 363 -5.19 -20.55 -8.64
CA GLU A 363 -6.15 -20.92 -9.68
C GLU A 363 -5.40 -21.41 -10.90
N ARG A 364 -6.04 -22.24 -11.72
CA ARG A 364 -5.30 -22.86 -12.84
C ARG A 364 -5.24 -21.97 -14.06
N THR A 365 -4.26 -21.07 -14.06
CA THR A 365 -4.04 -20.11 -15.14
C THR A 365 -2.53 -19.97 -15.43
N ILE A 366 -2.16 -19.50 -16.62
CA ILE A 366 -0.73 -19.22 -16.91
C ILE A 366 -0.34 -17.86 -16.36
N TRP A 367 -1.32 -17.08 -15.94
CA TRP A 367 -1.13 -15.67 -15.63
C TRP A 367 -1.64 -15.35 -14.25
N THR A 368 -1.31 -14.14 -13.82
CA THR A 368 -1.68 -13.60 -12.55
C THR A 368 -1.91 -12.11 -12.74
N SER A 369 -3.04 -11.63 -12.29
CA SER A 369 -3.31 -10.19 -12.27
C SER A 369 -4.17 -9.88 -11.08
N SER A 370 -4.55 -8.63 -10.93
CA SER A 370 -5.41 -8.23 -9.84
C SER A 370 -6.29 -7.02 -10.21
N SER A 371 -7.37 -6.87 -9.44
CA SER A 371 -8.25 -5.72 -9.58
C SER A 371 -8.41 -5.13 -8.18
N SER A 372 -9.23 -4.10 -8.02
CA SER A 372 -9.28 -3.38 -6.75
C SER A 372 -10.68 -2.86 -6.40
N ILE A 373 -10.86 -2.63 -5.12
CA ILE A 373 -12.04 -2.00 -4.56
C ILE A 373 -11.38 -0.93 -3.67
N VAL A 374 -11.88 0.30 -3.77
CA VAL A 374 -11.36 1.41 -3.00
C VAL A 374 -12.43 1.88 -2.06
N MET A 375 -12.07 2.30 -0.84
CA MET A 375 -13.03 2.66 0.20
C MET A 375 -12.60 3.93 0.95
N CYS A 376 -13.54 4.80 1.35
CA CYS A 376 -13.17 6.02 2.10
C CYS A 376 -13.95 6.23 3.41
N GLY A 377 -13.25 6.66 4.45
CA GLY A 377 -13.81 6.80 5.78
C GLY A 377 -15.00 7.77 5.72
N VAL A 378 -16.07 7.43 6.44
CA VAL A 378 -17.24 8.34 6.57
C VAL A 378 -17.68 8.38 8.01
N ASP A 379 -18.57 9.30 8.35
CA ASP A 379 -19.10 9.39 9.70
C ASP A 379 -20.31 8.49 9.98
N TYR A 380 -20.36 7.27 9.46
CA TYR A 380 -21.51 6.38 9.65
C TYR A 380 -21.05 4.92 9.60
N GLU A 381 -21.70 4.05 10.35
CA GLU A 381 -21.55 2.62 10.12
C GLU A 381 -21.95 2.25 8.71
N ILE A 382 -21.17 1.36 8.12
CA ILE A 382 -21.50 0.84 6.83
C ILE A 382 -21.63 -0.66 6.87
N ALA A 383 -22.72 -1.17 6.28
CA ALA A 383 -23.02 -2.60 6.28
C ALA A 383 -21.95 -3.49 5.64
N ASP A 384 -21.91 -4.74 6.08
CA ASP A 384 -21.04 -5.75 5.48
C ASP A 384 -21.46 -6.04 4.04
N TRP A 385 -20.47 -6.20 3.15
CA TRP A 385 -20.74 -6.78 1.85
C TRP A 385 -19.45 -7.25 1.21
N SER A 386 -19.53 -7.80 0.00
CA SER A 386 -18.36 -8.27 -0.68
C SER A 386 -18.22 -7.64 -2.06
N TRP A 387 -17.25 -6.75 -2.23
CA TRP A 387 -17.04 -6.16 -3.54
C TRP A 387 -15.88 -6.88 -4.26
N HIS A 388 -16.05 -8.18 -4.50
CA HIS A 388 -15.03 -9.05 -5.05
C HIS A 388 -14.77 -8.86 -6.52
N ASP A 389 -13.66 -9.43 -7.00
CA ASP A 389 -13.15 -9.21 -8.39
C ASP A 389 -14.17 -9.57 -9.43
N GLY A 390 -14.57 -10.84 -9.38
CA GLY A 390 -15.71 -11.31 -10.14
C GLY A 390 -15.37 -11.87 -11.49
N ALA A 391 -14.09 -11.99 -11.83
CA ALA A 391 -13.75 -12.59 -13.14
C ALA A 391 -14.00 -14.09 -13.16
N ILE A 392 -14.22 -14.63 -14.34
CA ILE A 392 -14.57 -16.05 -14.53
C ILE A 392 -13.41 -16.81 -15.19
N LEU A 393 -12.60 -17.48 -14.38
CA LEU A 393 -11.42 -18.22 -14.85
C LEU A 393 -11.65 -19.72 -14.97
N PRO A 394 -10.98 -20.37 -15.92
CA PRO A 394 -9.90 -19.86 -16.77
C PRO A 394 -10.36 -18.95 -17.89
N PHE A 395 -9.41 -18.21 -18.49
CA PHE A 395 -9.67 -17.32 -19.64
C PHE A 395 -9.27 -18.07 -20.94
N ASP A 396 -9.55 -17.47 -22.09
CA ASP A 396 -9.26 -18.10 -23.39
C ASP A 396 -7.79 -18.52 -23.51
N ILE A 397 -6.87 -17.62 -23.18
CA ILE A 397 -5.46 -17.88 -23.41
C ILE A 397 -5.01 -19.09 -22.61
N ASP A 398 -5.75 -19.36 -21.54
CA ASP A 398 -5.64 -20.59 -20.80
C ASP A 398 -6.43 -21.64 -21.61
#